data_8T2N
#
_entry.id   8T2N
#
_cell.length_a   138.725
_cell.length_b   31.485
_cell.length_c   68.917
_cell.angle_alpha   90.00
_cell.angle_beta   115.81
_cell.angle_gamma   90.00
#
_symmetry.space_group_name_H-M   'C 1 2 1'
#
loop_
_entity.id
_entity.type
_entity.pdbx_description
1 polymer 'Gamma-aminobutyric acid receptor-associated protein'
2 polymer 'Non-structural protein S'
3 water water
#
loop_
_entity_poly.entity_id
_entity_poly.type
_entity_poly.pdbx_seq_one_letter_code
_entity_poly.pdbx_strand_id
1 'polypeptide(L)'
;GSMKFVYKEEHPFEKRRSEGEKIRKKYPDRVPVIVEKAPKARIGDLDKKKYLVPSDLTVGQFYFLIRKRIHLRAEDALFF
FVNNVIPPTSATMGQLYQEHHEEDFFLYIAYSDESVYGL
;
A,C
2 'polypeptide(L)' GSGRNNWIPVIPPIPDVEMESEEE B,D
#
# COMPACT_ATOMS: atom_id res chain seq x y z
N MET A 3 -4.05 -0.57 5.85
CA MET A 3 -3.12 -1.69 5.86
C MET A 3 -3.33 -2.59 7.08
N LYS A 4 -2.27 -2.78 7.86
CA LYS A 4 -2.31 -3.65 9.03
C LYS A 4 -2.94 -2.95 10.22
N PHE A 5 -3.77 -1.94 9.96
CA PHE A 5 -4.28 -1.06 11.00
C PHE A 5 -5.43 -1.71 11.77
N VAL A 6 -5.43 -1.50 13.09
CA VAL A 6 -6.51 -2.00 13.93
C VAL A 6 -7.82 -1.31 13.60
N TYR A 7 -7.75 -0.03 13.19
CA TYR A 7 -8.96 0.72 12.88
C TYR A 7 -9.75 0.07 11.76
N LYS A 8 -9.06 -0.52 10.78
CA LYS A 8 -9.75 -1.19 9.68
C LYS A 8 -10.34 -2.53 10.09
N GLU A 9 -9.86 -3.13 11.16
CA GLU A 9 -10.41 -4.38 11.65
C GLU A 9 -11.59 -4.18 12.59
N GLU A 10 -11.83 -2.96 13.04
CA GLU A 10 -12.98 -2.65 13.89
C GLU A 10 -14.08 -1.88 13.17
N HIS A 11 -13.79 -1.33 11.98
CA HIS A 11 -14.80 -0.65 11.19
C HIS A 11 -14.74 -1.18 9.76
N PRO A 12 -15.86 -1.63 9.20
CA PRO A 12 -15.84 -2.14 7.82
C PRO A 12 -15.70 -1.00 6.83
N PHE A 13 -15.32 -1.37 5.60
CA PHE A 13 -14.98 -0.37 4.60
C PHE A 13 -16.14 0.56 4.32
N GLU A 14 -17.36 0.02 4.19
CA GLU A 14 -18.50 0.86 3.87
C GLU A 14 -18.72 1.92 4.95
N LYS A 15 -18.53 1.55 6.21
CA LYS A 15 -18.68 2.53 7.29
C LYS A 15 -17.59 3.59 7.23
N ARG A 16 -16.34 3.19 6.99
CA ARG A 16 -15.24 4.14 6.94
C ARG A 16 -15.39 5.10 5.76
N ARG A 17 -15.74 4.57 4.58
CA ARG A 17 -15.86 5.42 3.40
C ARG A 17 -16.96 6.45 3.57
N SER A 18 -18.11 6.04 4.12
CA SER A 18 -19.20 6.99 4.35
C SER A 18 -18.79 8.09 5.30
N GLU A 19 -18.12 7.73 6.41
CA GLU A 19 -17.66 8.73 7.35
C GLU A 19 -16.61 9.66 6.72
N GLY A 20 -15.70 9.08 5.94
CA GLY A 20 -14.66 9.90 5.32
C GLY A 20 -15.20 10.87 4.29
N GLU A 21 -16.23 10.47 3.55
CA GLU A 21 -16.80 11.36 2.53
C GLU A 21 -17.54 12.53 3.17
N LYS A 22 -18.26 12.28 4.25
CA LYS A 22 -18.97 13.35 4.95
C LYS A 22 -17.98 14.35 5.55
N ILE A 23 -16.95 13.84 6.22
CA ILE A 23 -15.98 14.73 6.88
C ILE A 23 -15.24 15.57 5.85
N ARG A 24 -14.98 15.02 4.67
CA ARG A 24 -14.35 15.81 3.62
C ARG A 24 -15.30 16.84 3.04
N LYS A 25 -16.61 16.65 3.22
CA LYS A 25 -17.58 17.67 2.85
C LYS A 25 -17.80 18.68 3.98
N LYS A 26 -17.84 18.21 5.23
CA LYS A 26 -18.03 19.11 6.35
C LYS A 26 -16.84 20.04 6.52
N TYR A 27 -15.64 19.61 6.14
CA TYR A 27 -14.41 20.37 6.35
C TYR A 27 -13.50 20.20 5.13
N PRO A 28 -13.82 20.88 4.03
CA PRO A 28 -13.00 20.73 2.82
C PRO A 28 -11.59 21.28 2.95
N ASP A 29 -11.28 22.01 4.03
CA ASP A 29 -9.94 22.50 4.28
C ASP A 29 -9.20 21.67 5.32
N ARG A 30 -9.73 20.50 5.68
CA ARG A 30 -9.11 19.59 6.63
C ARG A 30 -9.11 18.19 6.05
N VAL A 31 -8.16 17.38 6.51
CA VAL A 31 -7.99 16.02 6.04
C VAL A 31 -8.11 15.08 7.23
N PRO A 32 -8.88 14.00 7.13
CA PRO A 32 -8.98 13.04 8.23
C PRO A 32 -7.80 12.08 8.20
N VAL A 33 -7.16 11.89 9.36
CA VAL A 33 -5.94 11.10 9.45
C VAL A 33 -6.13 10.05 10.53
N ILE A 34 -5.80 8.80 10.20
CA ILE A 34 -5.75 7.71 11.17
C ILE A 34 -4.29 7.43 11.49
N VAL A 35 -3.95 7.45 12.77
CA VAL A 35 -2.57 7.26 13.22
C VAL A 35 -2.53 6.08 14.18
N GLU A 36 -1.68 5.10 13.88
CA GLU A 36 -1.50 3.95 14.75
C GLU A 36 -0.02 3.64 14.86
N LYS A 37 0.34 2.97 15.96
CA LYS A 37 1.71 2.50 16.15
C LYS A 37 1.99 1.32 15.23
N ALA A 38 3.15 1.35 14.57
CA ALA A 38 3.53 0.21 13.75
C ALA A 38 3.79 -1.00 14.65
N PRO A 39 3.54 -2.21 14.15
CA PRO A 39 3.88 -3.41 14.92
C PRO A 39 5.38 -3.46 15.16
N LYS A 40 5.77 -4.20 16.19
CA LYS A 40 7.15 -4.40 16.68
C LYS A 40 7.84 -3.11 17.10
N ALA A 41 7.15 -1.97 17.08
CA ALA A 41 7.77 -0.71 17.49
C ALA A 41 7.85 -0.62 19.00
N ARG A 42 8.97 -0.10 19.49
CA ARG A 42 9.20 0.13 20.91
C ARG A 42 9.07 1.62 21.16
N ILE A 43 7.84 2.07 21.43
CA ILE A 43 7.57 3.49 21.62
C ILE A 43 6.21 3.61 22.29
N GLY A 44 5.98 4.75 22.95
CA GLY A 44 4.74 4.94 23.68
C GLY A 44 3.52 4.90 22.80
N ASP A 45 2.36 4.69 23.43
CA ASP A 45 1.11 4.55 22.71
C ASP A 45 0.44 5.91 22.53
N LEU A 46 -0.60 5.91 21.70
CA LEU A 46 -1.37 7.10 21.39
C LEU A 46 -2.79 6.89 21.89
N ASP A 47 -3.27 7.80 22.73
CA ASP A 47 -4.57 7.61 23.36
C ASP A 47 -5.70 7.67 22.33
N LYS A 48 -5.58 8.54 21.34
CA LYS A 48 -6.58 8.70 20.29
C LYS A 48 -5.90 8.53 18.95
N LYS A 49 -6.64 8.01 17.97
CA LYS A 49 -6.05 7.67 16.69
C LYS A 49 -6.70 8.38 15.49
N LYS A 50 -7.78 9.12 15.70
CA LYS A 50 -8.46 9.82 14.61
C LYS A 50 -8.22 11.32 14.77
N TYR A 51 -7.63 11.93 13.73
CA TYR A 51 -7.24 13.33 13.79
C TYR A 51 -7.76 14.07 12.56
N LEU A 52 -8.31 15.25 12.79
CA LEU A 52 -8.75 16.16 11.73
C LEU A 52 -7.76 17.29 11.65
N VAL A 53 -6.99 17.33 10.56
CA VAL A 53 -5.77 18.13 10.48
C VAL A 53 -5.94 19.18 9.39
N PRO A 54 -5.60 20.44 9.64
CA PRO A 54 -5.66 21.45 8.58
C PRO A 54 -4.70 21.10 7.45
N SER A 55 -5.14 21.38 6.21
CA SER A 55 -4.39 20.95 5.03
C SER A 55 -3.01 21.60 4.97
N ASP A 56 -2.85 22.78 5.56
CA ASP A 56 -1.60 23.52 5.47
C ASP A 56 -0.61 23.15 6.56
N LEU A 57 -0.97 22.31 7.51
CA LEU A 57 -0.02 21.82 8.50
C LEU A 57 1.04 20.95 7.82
N THR A 58 2.30 21.19 8.18
CA THR A 58 3.38 20.40 7.63
C THR A 58 3.54 19.10 8.41
N VAL A 59 4.21 18.14 7.77
CA VAL A 59 4.50 16.87 8.44
C VAL A 59 5.39 17.09 9.66
N GLY A 60 6.32 18.04 9.56
CA GLY A 60 7.16 18.37 10.71
C GLY A 60 6.36 18.91 11.88
N GLN A 61 5.31 19.67 11.61
CA GLN A 61 4.45 20.15 12.69
C GLN A 61 3.58 19.04 13.26
N PHE A 62 3.22 18.05 12.44
CA PHE A 62 2.46 16.92 12.94
C PHE A 62 3.34 15.98 13.75
N TYR A 63 4.60 15.81 13.33
CA TYR A 63 5.59 15.12 14.15
C TYR A 63 5.59 15.66 15.57
N PHE A 64 5.73 16.98 15.71
CA PHE A 64 5.82 17.59 17.03
C PHE A 64 4.54 17.39 17.82
N LEU A 65 3.39 17.61 17.17
CA LEU A 65 2.11 17.38 17.83
C LEU A 65 2.00 15.95 18.37
N ILE A 66 2.36 14.98 17.54
CA ILE A 66 2.33 13.58 17.97
C ILE A 66 3.36 13.33 19.06
N ARG A 67 4.54 13.94 18.92
CA ARG A 67 5.59 13.82 19.94
C ARG A 67 5.07 14.19 21.33
N LYS A 68 4.27 15.26 21.42
CA LYS A 68 3.76 15.70 22.71
C LYS A 68 2.72 14.73 23.26
N ARG A 69 1.84 14.21 22.41
CA ARG A 69 0.79 13.31 22.87
C ARG A 69 1.38 12.01 23.42
N ILE A 70 2.50 11.55 22.86
CA ILE A 70 3.20 10.38 23.38
C ILE A 70 4.13 10.74 24.52
N HIS A 71 4.36 12.04 24.75
CA HIS A 71 5.31 12.54 25.75
C HIS A 71 6.73 12.07 25.42
N LEU A 72 7.10 12.19 24.15
CA LEU A 72 8.47 11.90 23.74
C LEU A 72 9.35 13.11 23.97
N ARG A 73 10.57 12.87 24.41
CA ARG A 73 11.56 13.94 24.44
C ARG A 73 12.02 14.26 23.02
N ALA A 74 12.56 15.47 22.85
CA ALA A 74 13.05 15.86 21.54
C ALA A 74 14.21 15.00 21.08
N GLU A 75 14.88 14.32 22.03
CA GLU A 75 15.99 13.43 21.68
C GLU A 75 15.49 12.13 21.09
N ASP A 76 14.35 11.64 21.55
CA ASP A 76 13.82 10.35 21.12
C ASP A 76 13.41 10.39 19.66
N ALA A 77 13.58 9.26 18.98
CA ALA A 77 13.28 9.17 17.56
C ALA A 77 11.79 8.92 17.31
N LEU A 78 11.29 9.50 16.23
CA LEU A 78 9.93 9.28 15.78
C LEU A 78 9.92 9.36 14.26
N PHE A 79 9.34 8.34 13.61
CA PHE A 79 9.23 8.31 12.16
C PHE A 79 7.82 7.97 11.74
N PHE A 80 7.32 8.68 10.74
CA PHE A 80 6.05 8.39 10.12
C PHE A 80 6.24 7.50 8.90
N PHE A 81 5.24 6.66 8.63
CA PHE A 81 5.23 5.83 7.42
C PHE A 81 3.87 5.96 6.76
N VAL A 82 3.87 6.35 5.48
CA VAL A 82 2.67 6.39 4.65
C VAL A 82 2.92 5.50 3.45
N ASN A 83 2.16 4.41 3.35
CA ASN A 83 2.35 3.44 2.26
C ASN A 83 3.79 2.93 2.25
N ASN A 84 4.33 2.66 3.44
CA ASN A 84 5.66 2.12 3.69
C ASN A 84 6.78 3.09 3.34
N VAL A 85 6.46 4.36 3.12
CA VAL A 85 7.44 5.39 2.79
C VAL A 85 7.38 6.47 3.86
N ILE A 86 8.55 6.98 4.25
CA ILE A 86 8.64 8.09 5.19
C ILE A 86 8.40 9.41 4.45
N PRO A 87 7.36 10.15 4.79
CA PRO A 87 7.07 11.37 4.05
C PRO A 87 8.04 12.47 4.43
N PRO A 88 8.29 13.42 3.55
CA PRO A 88 9.20 14.53 3.89
C PRO A 88 8.57 15.48 4.90
N THR A 89 9.41 15.99 5.80
CA THR A 89 8.92 16.88 6.84
C THR A 89 8.43 18.21 6.26
N SER A 90 8.97 18.62 5.11
CA SER A 90 8.59 19.89 4.53
C SER A 90 7.28 19.81 3.75
N ALA A 91 6.79 18.61 3.46
CA ALA A 91 5.50 18.47 2.81
C ALA A 91 4.37 18.82 3.78
N THR A 92 3.25 19.27 3.23
CA THR A 92 2.07 19.55 4.04
C THR A 92 1.18 18.32 4.11
N MET A 93 0.31 18.31 5.12
CA MET A 93 -0.65 17.21 5.25
C MET A 93 -1.65 17.23 4.10
N GLY A 94 -1.89 18.38 3.50
CA GLY A 94 -2.76 18.44 2.34
C GLY A 94 -2.17 17.75 1.12
N GLN A 95 -0.89 18.03 0.83
CA GLN A 95 -0.23 17.33 -0.26
C GLN A 95 -0.16 15.83 0.01
N LEU A 96 0.19 15.46 1.24
CA LEU A 96 0.29 14.05 1.60
C LEU A 96 -1.05 13.34 1.44
N TYR A 97 -2.13 13.97 1.90
CA TYR A 97 -3.46 13.37 1.74
C TYR A 97 -3.82 13.22 0.27
N GLN A 98 -3.60 14.28 -0.52
CA GLN A 98 -4.00 14.24 -1.92
C GLN A 98 -3.31 13.13 -2.70
N GLU A 99 -2.08 12.80 -2.35
CA GLU A 99 -1.36 11.74 -3.05
C GLU A 99 -1.68 10.35 -2.49
N HIS A 100 -1.93 10.25 -1.19
CA HIS A 100 -1.90 8.95 -0.51
C HIS A 100 -3.21 8.54 0.13
N HIS A 101 -4.27 9.34 0.04
CA HIS A 101 -5.51 8.98 0.71
C HIS A 101 -6.06 7.69 0.11
N GLU A 102 -6.60 6.83 0.98
CA GLU A 102 -7.11 5.53 0.56
C GLU A 102 -8.56 5.66 0.08
N GLU A 103 -9.18 4.52 -0.20
CA GLU A 103 -10.49 4.52 -0.84
C GLU A 103 -11.60 4.96 0.10
N ASP A 104 -11.37 4.90 1.41
CA ASP A 104 -12.32 5.41 2.39
C ASP A 104 -12.12 6.89 2.69
N PHE A 105 -11.28 7.58 1.90
CA PHE A 105 -11.00 9.00 2.02
C PHE A 105 -10.23 9.35 3.30
N PHE A 106 -9.64 8.35 3.93
CA PHE A 106 -8.78 8.54 5.08
C PHE A 106 -7.31 8.48 4.66
N LEU A 107 -6.48 9.26 5.35
CA LEU A 107 -5.03 9.14 5.25
C LEU A 107 -4.53 8.31 6.41
N TYR A 108 -3.74 7.28 6.11
CA TYR A 108 -3.25 6.34 7.12
C TYR A 108 -1.77 6.57 7.36
N ILE A 109 -1.40 6.79 8.61
CA ILE A 109 -0.02 7.03 9.03
C ILE A 109 0.32 6.08 10.16
N ALA A 110 1.38 5.30 9.98
CA ALA A 110 1.95 4.51 11.05
C ALA A 110 3.16 5.24 11.61
N TYR A 111 3.46 5.03 12.89
CA TYR A 111 4.63 5.65 13.50
C TYR A 111 5.43 4.59 14.24
N SER A 112 6.74 4.87 14.34
CA SER A 112 7.67 3.92 14.94
C SER A 112 8.89 4.66 15.46
N ASP A 113 9.64 3.99 16.31
CA ASP A 113 10.96 4.44 16.71
C ASP A 113 12.04 4.09 15.71
N GLU A 114 11.74 3.26 14.71
CA GLU A 114 12.71 2.83 13.73
C GLU A 114 12.49 3.55 12.40
N SER A 115 13.58 3.86 11.71
CA SER A 115 13.52 4.55 10.42
C SER A 115 13.53 3.60 9.23
N VAL A 116 13.52 2.28 9.44
CA VAL A 116 13.63 1.32 8.36
C VAL A 116 12.42 0.38 8.36
N TYR A 117 11.76 0.29 7.20
CA TYR A 117 10.61 -0.58 7.02
C TYR A 117 10.97 -2.05 7.22
N GLY A 118 10.24 -2.75 8.08
CA GLY A 118 9.30 -2.16 9.02
C GLY A 118 7.92 -1.75 8.57
N ASN B 5 -14.21 6.01 17.95
CA ASN B 5 -14.27 7.08 18.93
C ASN B 5 -14.52 8.41 18.23
N ASN B 6 -14.13 9.52 18.87
CA ASN B 6 -14.34 10.85 18.33
C ASN B 6 -13.08 11.36 17.64
N TRP B 7 -13.26 12.42 16.86
CA TRP B 7 -12.16 13.01 16.11
C TRP B 7 -11.47 14.08 16.94
N ILE B 8 -10.15 14.13 16.83
CA ILE B 8 -9.35 15.13 17.52
C ILE B 8 -8.97 16.23 16.53
N PRO B 9 -9.66 17.36 16.54
CA PRO B 9 -9.25 18.46 15.66
C PRO B 9 -8.04 19.18 16.23
N VAL B 10 -7.16 19.54 15.31
CA VAL B 10 -5.85 20.19 15.58
C VAL B 10 -5.90 21.66 15.20
N ILE B 11 -5.30 22.52 16.03
CA ILE B 11 -5.26 23.94 15.71
C ILE B 11 -3.82 24.40 15.84
N PRO B 12 -3.18 24.85 14.76
CA PRO B 12 -1.79 25.31 14.85
C PRO B 12 -1.71 26.62 15.60
N PRO B 13 -0.77 26.75 16.53
CA PRO B 13 -0.61 28.02 17.25
C PRO B 13 0.20 29.03 16.44
N ILE B 14 -0.16 30.30 16.62
CA ILE B 14 0.53 31.41 15.96
C ILE B 14 1.86 31.65 16.64
N PRO B 15 2.96 31.87 15.89
CA PRO B 15 4.32 32.16 16.34
C PRO B 15 4.38 33.00 17.61
N MET C 3 -0.43 2.80 -5.37
CA MET C 3 -1.80 2.66 -5.83
C MET C 3 -2.04 3.39 -7.13
N LYS C 4 -0.97 3.89 -7.74
CA LYS C 4 -1.05 4.67 -8.97
C LYS C 4 -0.88 3.73 -10.17
N PHE C 5 -1.97 3.04 -10.50
CA PHE C 5 -1.99 2.07 -11.59
C PHE C 5 -2.98 2.51 -12.67
N VAL C 6 -2.60 2.29 -13.92
CA VAL C 6 -3.47 2.65 -15.05
C VAL C 6 -4.76 1.83 -15.03
N TYR C 7 -4.69 0.59 -14.55
CA TYR C 7 -5.88 -0.27 -14.51
C TYR C 7 -7.00 0.35 -13.69
N LYS C 8 -6.65 1.09 -12.63
CA LYS C 8 -7.66 1.72 -11.78
C LYS C 8 -8.33 2.91 -12.45
N GLU C 9 -7.70 3.50 -13.46
CA GLU C 9 -8.28 4.62 -14.19
C GLU C 9 -9.17 4.20 -15.35
N GLU C 10 -9.18 2.91 -15.68
CA GLU C 10 -10.06 2.38 -16.71
C GLU C 10 -11.22 1.57 -16.15
N HIS C 11 -11.17 1.21 -14.86
CA HIS C 11 -12.24 0.50 -14.19
C HIS C 11 -12.56 1.24 -12.88
N PRO C 12 -13.81 1.58 -12.63
CA PRO C 12 -14.14 2.29 -11.39
C PRO C 12 -14.04 1.38 -10.18
N PHE C 13 -13.91 2.00 -9.01
CA PHE C 13 -13.61 1.26 -7.79
C PHE C 13 -14.71 0.25 -7.46
N GLU C 14 -15.97 0.66 -7.57
CA GLU C 14 -17.07 -0.22 -7.20
C GLU C 14 -17.08 -1.49 -8.04
N LYS C 15 -16.77 -1.37 -9.34
CA LYS C 15 -16.70 -2.55 -10.20
C LYS C 15 -15.54 -3.46 -9.81
N ARG C 16 -14.38 -2.87 -9.51
CA ARG C 16 -13.23 -3.68 -9.13
C ARG C 16 -13.47 -4.42 -7.83
N ARG C 17 -13.97 -3.71 -6.81
CA ARG C 17 -14.24 -4.34 -5.52
C ARG C 17 -15.28 -5.44 -5.66
N SER C 18 -16.29 -5.24 -6.49
CA SER C 18 -17.29 -6.27 -6.72
C SER C 18 -16.67 -7.49 -7.41
N GLU C 19 -15.88 -7.26 -8.45
CA GLU C 19 -15.23 -8.36 -9.14
C GLU C 19 -14.23 -9.06 -8.23
N GLY C 20 -13.44 -8.30 -7.47
CA GLY C 20 -12.45 -8.90 -6.60
C GLY C 20 -13.05 -9.71 -5.46
N GLU C 21 -14.20 -9.27 -4.95
CA GLU C 21 -14.85 -10.00 -3.86
C GLU C 21 -15.42 -11.32 -4.34
N LYS C 22 -16.00 -11.34 -5.55
CA LYS C 22 -16.54 -12.58 -6.09
C LYS C 22 -15.44 -13.59 -6.37
N ILE C 23 -14.36 -13.15 -7.03
CA ILE C 23 -13.29 -14.07 -7.41
C ILE C 23 -12.61 -14.65 -6.18
N ARG C 24 -12.54 -13.89 -5.08
CA ARG C 24 -11.97 -14.40 -3.85
C ARG C 24 -12.85 -15.43 -3.18
N LYS C 25 -14.15 -15.44 -3.49
CA LYS C 25 -15.03 -16.51 -3.03
C LYS C 25 -15.03 -17.70 -3.97
N LYS C 26 -15.03 -17.45 -5.28
CA LYS C 26 -15.06 -18.54 -6.25
C LYS C 26 -13.81 -19.41 -6.19
N TYR C 27 -12.68 -18.83 -5.78
CA TYR C 27 -11.40 -19.54 -5.74
C TYR C 27 -10.64 -19.12 -4.50
N PRO C 28 -11.02 -19.64 -3.33
CA PRO C 28 -10.35 -19.24 -2.08
C PRO C 28 -8.89 -19.65 -1.99
N ASP C 29 -8.41 -20.50 -2.90
CA ASP C 29 -7.01 -20.89 -2.94
C ASP C 29 -6.24 -20.13 -4.03
N ARG C 30 -6.83 -19.07 -4.57
CA ARG C 30 -6.20 -18.24 -5.60
C ARG C 30 -6.36 -16.78 -5.22
N VAL C 31 -5.44 -15.95 -5.68
CA VAL C 31 -5.42 -14.52 -5.40
C VAL C 31 -5.44 -13.76 -6.70
N PRO C 32 -6.29 -12.74 -6.86
CA PRO C 32 -6.29 -11.95 -8.10
C PRO C 32 -5.19 -10.89 -8.06
N VAL C 33 -4.40 -10.83 -9.13
CA VAL C 33 -3.22 -9.96 -9.18
C VAL C 33 -3.29 -9.10 -10.45
N ILE C 34 -3.06 -7.81 -10.29
CA ILE C 34 -2.89 -6.87 -11.41
C ILE C 34 -1.42 -6.53 -11.52
N VAL C 35 -0.86 -6.68 -12.72
CA VAL C 35 0.56 -6.44 -12.97
C VAL C 35 0.68 -5.38 -14.05
N GLU C 36 1.41 -4.31 -13.76
CA GLU C 36 1.62 -3.23 -14.72
C GLU C 36 3.07 -2.78 -14.68
N LYS C 37 3.51 -2.17 -15.78
CA LYS C 37 4.84 -1.59 -15.85
C LYS C 37 4.90 -0.32 -15.03
N ALA C 38 5.97 -0.18 -14.25
CA ALA C 38 6.16 1.02 -13.45
C ALA C 38 6.39 2.24 -14.35
N PRO C 39 6.00 3.43 -13.89
CA PRO C 39 6.30 4.64 -14.64
C PRO C 39 7.81 4.83 -14.79
N LYS C 40 8.20 5.40 -15.93
CA LYS C 40 9.60 5.67 -16.28
C LYS C 40 10.43 4.40 -16.44
N ALA C 41 9.80 3.23 -16.45
CA ALA C 41 10.53 1.99 -16.65
C ALA C 41 10.91 1.84 -18.12
N ARG C 42 12.13 1.41 -18.37
CA ARG C 42 12.66 1.20 -19.72
C ARG C 42 12.81 -0.31 -19.92
N ILE C 43 11.73 -0.93 -20.38
CA ILE C 43 11.63 -2.39 -20.43
C ILE C 43 10.39 -2.74 -21.23
N GLY C 44 10.35 -3.97 -21.73
CA GLY C 44 9.22 -4.39 -22.55
C GLY C 44 7.91 -4.34 -21.80
N ASP C 45 6.82 -4.30 -22.56
CA ASP C 45 5.48 -4.18 -21.99
C ASP C 45 4.89 -5.56 -21.74
N LEU C 46 3.74 -5.56 -21.05
CA LEU C 46 3.02 -6.78 -20.70
C LEU C 46 1.67 -6.76 -21.40
N ASP C 47 1.40 -7.78 -22.21
CA ASP C 47 0.19 -7.78 -23.03
C ASP C 47 -1.08 -7.86 -22.19
N LYS C 48 -1.06 -8.67 -21.13
CA LYS C 48 -2.21 -8.82 -20.24
C LYS C 48 -1.77 -8.59 -18.80
N LYS C 49 -2.69 -8.03 -18.02
CA LYS C 49 -2.37 -7.56 -16.68
C LYS C 49 -3.20 -8.19 -15.57
N LYS C 50 -4.17 -9.04 -15.89
CA LYS C 50 -5.04 -9.66 -14.89
C LYS C 50 -4.65 -11.13 -14.75
N TYR C 51 -4.24 -11.53 -13.54
CA TYR C 51 -3.75 -12.86 -13.28
C TYR C 51 -4.43 -13.46 -12.06
N LEU C 52 -4.81 -14.73 -12.17
CA LEU C 52 -5.35 -15.50 -11.07
C LEU C 52 -4.28 -16.51 -10.65
N VAL C 53 -3.70 -16.29 -9.47
CA VAL C 53 -2.45 -16.95 -9.08
C VAL C 53 -2.74 -17.83 -7.88
N PRO C 54 -2.30 -19.09 -7.87
CA PRO C 54 -2.47 -19.92 -6.67
C PRO C 54 -1.71 -19.35 -5.49
N SER C 55 -2.33 -19.43 -4.32
CA SER C 55 -1.80 -18.75 -3.13
C SER C 55 -0.44 -19.31 -2.71
N ASP C 56 -0.16 -20.58 -3.00
CA ASP C 56 1.07 -21.20 -2.55
C ASP C 56 2.22 -21.01 -3.54
N LEU C 57 1.98 -20.38 -4.68
CA LEU C 57 3.06 -20.01 -5.57
C LEU C 57 3.92 -18.95 -4.90
N THR C 58 5.24 -19.09 -5.04
CA THR C 58 6.13 -18.12 -4.42
C THR C 58 6.29 -16.89 -5.32
N VAL C 59 6.73 -15.79 -4.71
CA VAL C 59 6.99 -14.57 -5.47
C VAL C 59 8.11 -14.81 -6.48
N GLY C 60 9.12 -15.61 -6.09
CA GLY C 60 10.18 -15.94 -7.03
C GLY C 60 9.67 -16.72 -8.23
N GLN C 61 8.68 -17.59 -8.02
CA GLN C 61 8.10 -18.31 -9.14
C GLN C 61 7.24 -17.39 -10.01
N PHE C 62 6.65 -16.35 -9.41
CA PHE C 62 5.89 -15.38 -10.19
C PHE C 62 6.82 -14.45 -10.97
N TYR C 63 7.97 -14.08 -10.37
CA TYR C 63 9.03 -13.42 -11.10
C TYR C 63 9.33 -14.13 -12.42
N PHE C 64 9.60 -15.44 -12.34
CA PHE C 64 9.99 -16.20 -13.52
C PHE C 64 8.88 -16.20 -14.57
N LEU C 65 7.65 -16.46 -14.14
CA LEU C 65 6.52 -16.45 -15.05
C LEU C 65 6.40 -15.11 -15.76
N ILE C 66 6.46 -14.01 -15.00
CA ILE C 66 6.33 -12.68 -15.59
C ILE C 66 7.51 -12.38 -16.51
N ARG C 67 8.73 -12.77 -16.10
CA ARG C 67 9.89 -12.64 -16.97
C ARG C 67 9.64 -13.25 -18.35
N LYS C 68 9.00 -14.42 -18.39
CA LYS C 68 8.79 -15.09 -19.67
C LYS C 68 7.81 -14.32 -20.54
N ARG C 69 6.71 -13.83 -19.95
CA ARG C 69 5.69 -13.14 -20.73
C ARG C 69 6.21 -11.84 -21.34
N ILE C 70 7.17 -11.19 -20.67
CA ILE C 70 7.78 -9.99 -21.24
C ILE C 70 8.87 -10.32 -22.25
N HIS C 71 9.29 -11.58 -22.32
CA HIS C 71 10.36 -12.01 -23.23
C HIS C 71 11.66 -11.26 -22.94
N LEU C 72 12.04 -11.24 -21.66
CA LEU C 72 13.29 -10.62 -21.24
C LEU C 72 14.46 -11.56 -21.49
N ARG C 73 15.60 -10.97 -21.86
CA ARG C 73 16.82 -11.74 -21.93
C ARG C 73 17.29 -12.10 -20.52
N ALA C 74 18.16 -13.12 -20.45
CA ALA C 74 18.65 -13.59 -19.16
C ALA C 74 19.45 -12.53 -18.41
N GLU C 75 19.98 -11.51 -19.12
CA GLU C 75 20.80 -10.51 -18.49
C GLU C 75 20.05 -9.23 -18.10
N ASP C 76 18.77 -9.12 -18.46
CA ASP C 76 18.02 -7.92 -18.14
C ASP C 76 17.54 -7.96 -16.69
N ALA C 77 17.49 -6.78 -16.07
CA ALA C 77 17.07 -6.64 -14.69
C ALA C 77 15.55 -6.53 -14.61
N LEU C 78 14.97 -7.10 -13.56
CA LEU C 78 13.55 -6.97 -13.33
C LEU C 78 13.29 -6.96 -11.83
N PHE C 79 12.52 -5.97 -11.36
CA PHE C 79 12.18 -5.83 -9.96
C PHE C 79 10.68 -5.66 -9.80
N PHE C 80 10.11 -6.33 -8.80
CA PHE C 80 8.72 -6.13 -8.43
C PHE C 80 8.61 -5.07 -7.34
N PHE C 81 7.50 -4.33 -7.37
CA PHE C 81 7.18 -3.35 -6.34
C PHE C 81 5.74 -3.55 -5.91
N VAL C 82 5.51 -3.73 -4.62
CA VAL C 82 4.16 -3.78 -4.04
C VAL C 82 4.10 -2.74 -2.92
N ASN C 83 3.28 -1.71 -3.11
CA ASN C 83 3.13 -0.65 -2.10
C ASN C 83 4.48 -0.05 -1.72
N ASN C 84 5.31 0.22 -2.74
CA ASN C 84 6.63 0.83 -2.63
C ASN C 84 7.67 -0.07 -1.98
N VAL C 85 7.40 -1.37 -1.85
CA VAL C 85 8.34 -2.32 -1.26
C VAL C 85 8.66 -3.40 -2.30
N ILE C 86 9.93 -3.81 -2.35
CA ILE C 86 10.32 -4.96 -3.16
C ILE C 86 10.02 -6.21 -2.35
N PRO C 87 9.14 -7.09 -2.80
CA PRO C 87 8.75 -8.26 -1.99
C PRO C 87 9.84 -9.31 -2.00
N PRO C 88 9.94 -10.11 -0.94
CA PRO C 88 10.92 -11.20 -0.93
C PRO C 88 10.49 -12.36 -1.81
N THR C 89 11.46 -12.98 -2.47
CA THR C 89 11.15 -14.07 -3.40
C THR C 89 10.67 -15.32 -2.68
N SER C 90 11.05 -15.51 -1.42
CA SER C 90 10.66 -16.73 -0.71
C SER C 90 9.26 -16.67 -0.15
N ALA C 91 8.64 -15.50 -0.09
CA ALA C 91 7.25 -15.41 0.34
C ALA C 91 6.32 -15.93 -0.76
N THR C 92 5.16 -16.43 -0.34
CA THR C 92 4.17 -16.89 -1.29
C THR C 92 3.26 -15.76 -1.72
N MET C 93 2.59 -15.94 -2.86
CA MET C 93 1.65 -14.94 -3.34
C MET C 93 0.45 -14.81 -2.40
N GLY C 94 0.10 -15.88 -1.69
CA GLY C 94 -0.95 -15.78 -0.70
C GLY C 94 -0.55 -14.90 0.47
N GLN C 95 0.66 -15.10 0.98
CA GLN C 95 1.18 -14.23 2.04
C GLN C 95 1.29 -12.79 1.56
N LEU C 96 1.78 -12.58 0.34
CA LEU C 96 1.88 -11.22 -0.20
C LEU C 96 0.51 -10.58 -0.33
N TYR C 97 -0.47 -11.34 -0.85
CA TYR C 97 -1.82 -10.81 -0.97
C TYR C 97 -2.38 -10.43 0.39
N GLN C 98 -2.21 -11.30 1.39
CA GLN C 98 -2.75 -11.04 2.72
C GLN C 98 -2.19 -9.75 3.31
N GLU C 99 -0.93 -9.43 2.99
CA GLU C 99 -0.29 -8.25 3.55
C GLU C 99 -0.64 -6.99 2.78
N HIS C 100 -0.79 -7.08 1.45
CA HIS C 100 -0.78 -5.89 0.60
C HIS C 100 -2.03 -5.68 -0.24
N HIS C 101 -3.02 -6.57 -0.19
CA HIS C 101 -4.17 -6.42 -1.07
C HIS C 101 -4.94 -5.13 -0.74
N GLU C 102 -5.44 -4.47 -1.77
CA GLU C 102 -6.14 -3.21 -1.58
C GLU C 102 -7.61 -3.49 -1.25
N GLU C 103 -8.39 -2.43 -1.11
CA GLU C 103 -9.78 -2.57 -0.67
C GLU C 103 -10.68 -3.15 -1.76
N ASP C 104 -10.26 -3.11 -3.02
CA ASP C 104 -11.02 -3.78 -4.07
C ASP C 104 -10.69 -5.26 -4.19
N PHE C 105 -9.93 -5.79 -3.23
CA PHE C 105 -9.53 -7.19 -3.12
C PHE C 105 -8.54 -7.63 -4.20
N PHE C 106 -7.93 -6.69 -4.91
CA PHE C 106 -6.86 -6.98 -5.85
C PHE C 106 -5.50 -6.70 -5.22
N LEU C 107 -4.51 -7.49 -5.63
CA LEU C 107 -3.11 -7.23 -5.33
C LEU C 107 -2.47 -6.56 -6.53
N TYR C 108 -1.82 -5.43 -6.32
CA TYR C 108 -1.22 -4.64 -7.39
C TYR C 108 0.29 -4.76 -7.33
N ILE C 109 0.90 -5.14 -8.45
CA ILE C 109 2.34 -5.32 -8.55
C ILE C 109 2.83 -4.52 -9.75
N ALA C 110 3.80 -3.63 -9.51
CA ALA C 110 4.48 -2.93 -10.58
C ALA C 110 5.84 -3.58 -10.83
N TYR C 111 6.32 -3.48 -12.08
CA TYR C 111 7.62 -4.01 -12.43
C TYR C 111 8.43 -2.95 -13.18
N SER C 112 9.76 -3.07 -13.07
CA SER C 112 10.66 -2.09 -13.67
C SER C 112 12.02 -2.73 -13.89
N ASP C 113 12.83 -2.08 -14.71
CA ASP C 113 14.25 -2.41 -14.81
C ASP C 113 15.07 -1.79 -13.70
N GLU C 114 14.51 -0.85 -12.95
CA GLU C 114 15.17 -0.16 -11.86
C GLU C 114 14.68 -0.64 -10.51
N SER C 115 15.56 -0.58 -9.53
CA SER C 115 15.27 -1.03 -8.17
C SER C 115 14.59 0.05 -7.34
N VAL C 116 14.27 1.20 -7.93
CA VAL C 116 13.50 2.26 -7.28
C VAL C 116 12.27 2.51 -8.14
N TYR C 117 11.09 2.40 -7.52
CA TYR C 117 9.85 2.60 -8.25
C TYR C 117 9.76 3.99 -8.83
N GLY C 118 9.59 4.08 -10.14
CA GLY C 118 9.45 5.37 -10.79
C GLY C 118 10.75 6.14 -10.96
N LEU C 119 11.88 5.44 -11.07
CA LEU C 119 13.15 6.11 -11.27
C LEU C 119 13.45 6.26 -12.76
N ASN D 5 -10.60 -7.03 -18.41
CA ASN D 5 -10.50 -8.01 -19.47
C ASN D 5 -10.73 -9.41 -18.92
N ASN D 6 -9.93 -10.37 -19.38
CA ASN D 6 -10.08 -11.77 -18.97
C ASN D 6 -8.93 -12.18 -18.06
N TRP D 7 -9.21 -13.15 -17.20
CA TRP D 7 -8.22 -13.63 -16.25
C TRP D 7 -7.19 -14.53 -16.94
N ILE D 8 -5.95 -14.43 -16.49
CA ILE D 8 -4.91 -15.37 -16.90
C ILE D 8 -4.64 -16.31 -15.72
N PRO D 9 -5.28 -17.47 -15.67
CA PRO D 9 -5.01 -18.42 -14.57
C PRO D 9 -3.66 -19.07 -14.77
N VAL D 10 -2.76 -18.86 -13.81
CA VAL D 10 -1.37 -19.31 -13.94
C VAL D 10 -1.22 -20.66 -13.27
N ILE D 11 -0.44 -21.54 -13.89
CA ILE D 11 -0.21 -22.89 -13.38
C ILE D 11 1.14 -22.91 -12.68
N PRO D 12 1.29 -23.67 -11.60
CA PRO D 12 2.59 -23.72 -10.91
C PRO D 12 3.60 -24.47 -11.74
N PRO D 13 4.88 -24.07 -11.70
CA PRO D 13 5.89 -24.75 -12.50
C PRO D 13 6.16 -26.16 -11.98
N ILE D 14 6.95 -26.89 -12.76
CA ILE D 14 7.35 -28.26 -12.45
C ILE D 14 8.85 -28.28 -12.29
N PRO D 15 9.38 -28.75 -11.15
CA PRO D 15 10.82 -28.59 -10.89
C PRO D 15 11.66 -29.83 -11.20
N ASP D 16 12.97 -29.74 -10.89
CA ASP D 16 13.95 -30.82 -10.94
C ASP D 16 14.42 -31.13 -12.36
N VAL D 17 15.73 -31.28 -12.52
CA VAL D 17 16.37 -31.62 -13.79
C VAL D 17 17.71 -32.27 -13.48
N GLU D 18 18.03 -33.33 -14.21
CA GLU D 18 19.28 -34.06 -14.03
C GLU D 18 20.34 -33.56 -15.03
N MET D 19 21.52 -34.18 -14.98
CA MET D 19 22.67 -33.71 -15.73
C MET D 19 22.51 -34.02 -17.23
N GLU D 20 23.61 -33.93 -17.97
CA GLU D 20 23.55 -33.97 -19.42
C GLU D 20 23.50 -35.40 -19.98
N SER D 21 24.46 -36.27 -19.63
CA SER D 21 25.62 -36.04 -18.78
C SER D 21 26.87 -35.80 -19.63
#